data_1URV
#
_entry.id   1URV
#
_cell.length_a   48.940
_cell.length_b   70.429
_cell.length_c   100.913
_cell.angle_alpha   90.00
_cell.angle_beta   90.00
_cell.angle_gamma   90.00
#
_symmetry.space_group_name_H-M   'P 21 21 21'
#
loop_
_entity.id
_entity.type
_entity.pdbx_description
1 polymer CYTOGLOBIN
2 non-polymer 'PROTOPORPHYRIN IX CONTAINING FE'
3 non-polymer HEXACYANOFERRATE(3-)
4 water water
#
_entity_poly.entity_id   1
_entity_poly.type   'polypeptide(L)'
_entity_poly.pdbx_seq_one_letter_code
;MEKVPGEMEIERRERSEELSEAERKAVQAMWARLYANSEDVGVAILVRFFVNFPSAKQYFSQFKHMEDPLEMERSPQLRK
HASRVMGALNTVVENLHDPDKVSSVLALVGKAHALKHKVEPVYFKILSGVILEVVAEEFASDFPPETQRAWAKLRGLIYS
HVTAAYKEVGWVQQVPNATTPPATLPSSGP
;
_entity_poly.pdbx_strand_id   A,B
#
loop_
_chem_comp.id
_chem_comp.type
_chem_comp.name
_chem_comp.formula
FC6 non-polymer HEXACYANOFERRATE(3-) 'C6 Fe N6'
HEM non-polymer 'PROTOPORPHYRIN IX CONTAINING FE' 'C34 H32 Fe N4 O4'
#
# COMPACT_ATOMS: atom_id res chain seq x y z
N GLU A 18 -6.91 5.41 -23.57
CA GLU A 18 -5.58 4.88 -24.01
C GLU A 18 -4.50 5.92 -23.75
N LEU A 19 -3.25 5.46 -23.77
CA LEU A 19 -2.11 6.36 -23.65
C LEU A 19 -1.94 7.14 -24.94
N SER A 20 -1.63 8.43 -24.82
CA SER A 20 -1.27 9.22 -25.97
C SER A 20 0.10 8.78 -26.43
N GLU A 21 0.52 9.27 -27.58
CA GLU A 21 1.80 8.88 -28.15
C GLU A 21 2.94 9.24 -27.19
N ALA A 22 2.97 10.48 -26.73
CA ALA A 22 3.99 10.91 -25.75
C ALA A 22 3.95 10.07 -24.47
N GLU A 23 2.77 9.71 -24.00
CA GLU A 23 2.65 8.93 -22.77
C GLU A 23 3.16 7.52 -22.98
N ARG A 24 2.83 6.96 -24.12
CA ARG A 24 3.24 5.62 -24.47
C ARG A 24 4.75 5.59 -24.55
N LYS A 25 5.32 6.61 -25.21
CA LYS A 25 6.76 6.68 -25.31
C LYS A 25 7.38 6.83 -23.92
N ALA A 26 6.74 7.62 -23.04
CA ALA A 26 7.27 7.85 -21.69
C ALA A 26 7.29 6.56 -20.90
N VAL A 27 6.21 5.79 -20.99
CA VAL A 27 6.11 4.52 -20.30
C VAL A 27 7.08 3.46 -20.87
N GLN A 28 7.29 3.43 -22.19
CA GLN A 28 8.14 2.40 -22.76
C GLN A 28 9.60 2.66 -22.42
N ALA A 29 9.99 3.93 -22.40
CA ALA A 29 11.36 4.32 -22.08
C ALA A 29 11.68 4.00 -20.62
N MET A 30 10.71 4.28 -19.73
CA MET A 30 10.85 3.95 -18.32
C MET A 30 11.00 2.45 -18.21
N TRP A 31 10.05 1.72 -18.80
CA TRP A 31 10.00 0.27 -18.71
C TRP A 31 11.26 -0.41 -19.22
N ALA A 32 11.90 0.14 -20.24
CA ALA A 32 13.14 -0.43 -20.77
C ALA A 32 14.23 -0.48 -19.69
N ARG A 33 14.33 0.59 -18.91
CA ARG A 33 15.26 0.69 -17.77
C ARG A 33 14.96 -0.36 -16.71
N LEU A 34 13.68 -0.50 -16.38
CA LEU A 34 13.24 -1.56 -15.46
C LEU A 34 13.73 -2.92 -15.96
N TYR A 35 13.45 -3.19 -17.23
CA TYR A 35 13.55 -4.54 -17.80
C TYR A 35 14.98 -4.98 -18.08
N ALA A 36 15.92 -4.03 -18.11
CA ALA A 36 17.35 -4.34 -18.20
C ALA A 36 17.83 -5.21 -17.04
N ASN A 37 17.20 -5.09 -15.87
CA ASN A 37 17.30 -6.12 -14.82
C ASN A 37 15.91 -6.52 -14.37
N SER A 38 15.19 -7.13 -15.31
CA SER A 38 13.81 -7.56 -15.12
C SER A 38 13.66 -8.50 -13.93
N GLU A 39 14.59 -9.43 -13.84
CA GLU A 39 14.56 -10.48 -12.84
C GLU A 39 14.61 -9.88 -11.43
N ASP A 40 15.60 -9.02 -11.19
CA ASP A 40 15.82 -8.41 -9.89
C ASP A 40 14.75 -7.38 -9.52
N VAL A 41 14.19 -6.71 -10.51
CA VAL A 41 13.20 -5.68 -10.25
C VAL A 41 11.92 -6.38 -9.86
N GLY A 42 11.53 -7.39 -10.65
CA GLY A 42 10.34 -8.19 -10.35
C GLY A 42 10.35 -8.75 -8.94
N VAL A 43 11.51 -9.27 -8.54
CA VAL A 43 11.65 -9.91 -7.24
C VAL A 43 11.58 -8.87 -6.13
N ALA A 44 12.19 -7.70 -6.35
CA ALA A 44 12.23 -6.66 -5.33
C ALA A 44 10.83 -6.16 -5.09
N ILE A 45 10.10 -5.96 -6.18
CA ILE A 45 8.69 -5.60 -6.11
C ILE A 45 7.87 -6.62 -5.29
N LEU A 46 8.01 -7.91 -5.58
CA LEU A 46 7.17 -8.88 -4.92
C LEU A 46 7.53 -9.05 -3.45
N VAL A 47 8.81 -8.94 -3.11
CA VAL A 47 9.26 -9.07 -1.73
C VAL A 47 8.63 -7.92 -0.93
N ARG A 48 8.72 -6.71 -1.47
CA ARG A 48 8.15 -5.58 -0.81
C ARG A 48 6.62 -5.73 -0.66
N PHE A 49 5.98 -6.25 -1.69
CA PHE A 49 4.55 -6.55 -1.66
C PHE A 49 4.15 -7.51 -0.52
N PHE A 50 4.88 -8.63 -0.42
CA PHE A 50 4.58 -9.66 0.57
C PHE A 50 4.98 -9.29 2.00
N VAL A 51 6.04 -8.51 2.18
CA VAL A 51 6.41 -7.97 3.50
C VAL A 51 5.38 -6.95 3.95
N ASN A 52 5.00 -6.06 3.05
CA ASN A 52 4.10 -4.95 3.43
C ASN A 52 2.64 -5.32 3.45
N PHE A 53 2.30 -6.42 2.77
CA PHE A 53 0.95 -6.96 2.72
C PHE A 53 1.03 -8.47 2.86
N PRO A 54 1.30 -8.93 4.10
CA PRO A 54 1.42 -10.36 4.40
C PRO A 54 0.19 -11.20 4.01
N SER A 55 -0.99 -10.60 4.01
CA SER A 55 -2.20 -11.29 3.60
C SER A 55 -2.11 -11.80 2.18
N ALA A 56 -1.39 -11.11 1.31
CA ALA A 56 -1.27 -11.54 -0.09
C ALA A 56 -0.51 -12.88 -0.24
N LYS A 57 0.28 -13.28 0.75
CA LYS A 57 1.02 -14.54 0.67
C LYS A 57 0.09 -15.76 0.71
N GLN A 58 -1.14 -15.59 1.16
CA GLN A 58 -2.06 -16.70 1.37
C GLN A 58 -2.33 -17.52 0.10
N TYR A 59 -2.03 -16.95 -1.07
CA TYR A 59 -2.31 -17.65 -2.33
C TYR A 59 -1.11 -18.43 -2.85
N PHE A 60 -0.03 -18.44 -2.09
CA PHE A 60 1.22 -18.97 -2.57
C PHE A 60 1.68 -20.07 -1.61
N SER A 61 1.63 -21.32 -2.10
CA SER A 61 1.77 -22.51 -1.25
C SER A 61 3.15 -22.67 -0.61
N GLN A 62 4.19 -22.31 -1.34
CA GLN A 62 5.56 -22.45 -0.84
C GLN A 62 6.02 -21.31 0.07
N PHE A 63 5.23 -20.24 0.22
CA PHE A 63 5.65 -19.14 1.10
C PHE A 63 4.56 -18.37 1.87
N LYS A 64 3.40 -19.02 2.11
CA LYS A 64 2.25 -18.42 2.81
C LYS A 64 2.51 -18.05 4.28
N HIS A 65 3.51 -18.69 4.87
CA HIS A 65 3.89 -18.43 6.26
C HIS A 65 5.33 -17.96 6.37
N MET A 66 5.93 -17.64 5.22
CA MET A 66 7.28 -17.14 5.18
C MET A 66 7.27 -15.66 5.55
N GLU A 67 8.23 -15.26 6.39
CA GLU A 67 8.35 -13.89 6.87
C GLU A 67 9.71 -13.28 6.54
N ASP A 68 10.76 -14.09 6.53
CA ASP A 68 12.09 -13.61 6.23
C ASP A 68 12.20 -13.12 4.78
N PRO A 69 12.45 -11.81 4.57
CA PRO A 69 12.56 -11.25 3.19
C PRO A 69 13.75 -11.75 2.36
N LEU A 70 14.75 -12.33 3.02
CA LEU A 70 15.91 -12.85 2.31
C LEU A 70 15.53 -14.19 1.69
N GLU A 71 14.75 -14.97 2.44
CA GLU A 71 14.16 -16.22 1.95
C GLU A 71 13.14 -16.00 0.86
N MET A 72 12.36 -14.92 1.00
CA MET A 72 11.42 -14.57 -0.04
C MET A 72 12.19 -14.26 -1.32
N GLU A 73 13.27 -13.49 -1.19
CA GLU A 73 14.11 -13.08 -2.31
C GLU A 73 14.69 -14.29 -3.07
N ARG A 74 15.02 -15.32 -2.30
CA ARG A 74 15.60 -16.58 -2.80
C ARG A 74 14.53 -17.67 -3.10
N SER A 75 13.25 -17.40 -2.88
CA SER A 75 12.18 -18.39 -3.08
C SER A 75 11.92 -18.70 -4.57
N PRO A 76 12.10 -19.96 -4.99
CA PRO A 76 11.80 -20.37 -6.38
C PRO A 76 10.40 -20.02 -6.89
N GLN A 77 9.36 -20.28 -6.10
CA GLN A 77 7.99 -19.95 -6.49
C GLN A 77 7.71 -18.42 -6.49
N LEU A 78 8.37 -17.69 -5.60
CA LEU A 78 8.25 -16.21 -5.64
C LEU A 78 8.91 -15.70 -6.91
N ARG A 79 10.13 -16.20 -7.20
CA ARG A 79 10.91 -15.65 -8.32
C ARG A 79 10.27 -15.99 -9.63
N LYS A 80 9.50 -17.08 -9.61
CA LYS A 80 8.79 -17.55 -10.78
C LYS A 80 7.63 -16.61 -11.05
N HIS A 81 6.83 -16.34 -10.02
CA HIS A 81 5.73 -15.40 -10.18
C HIS A 81 6.24 -13.99 -10.52
N ALA A 82 7.35 -13.58 -9.94
CA ALA A 82 8.04 -12.37 -10.37
C ALA A 82 8.34 -12.36 -11.89
N SER A 83 8.85 -13.47 -12.40
CA SER A 83 9.19 -13.57 -13.83
C SER A 83 7.95 -13.45 -14.73
N ARG A 84 6.82 -14.01 -14.26
CA ARG A 84 5.56 -14.02 -15.00
C ARG A 84 4.80 -12.66 -14.93
N VAL A 85 4.94 -11.96 -13.81
CA VAL A 85 4.37 -10.62 -13.65
C VAL A 85 5.08 -9.64 -14.58
N MET A 86 6.39 -9.59 -14.46
CA MET A 86 7.24 -8.81 -15.36
C MET A 86 7.06 -9.12 -16.84
N GLY A 87 6.87 -10.39 -17.19
CA GLY A 87 6.71 -10.79 -18.58
C GLY A 87 5.37 -10.40 -19.14
N ALA A 88 4.31 -10.57 -18.35
CA ALA A 88 2.97 -10.13 -18.76
C ALA A 88 2.91 -8.58 -18.84
N LEU A 89 3.46 -7.89 -17.85
CA LEU A 89 3.60 -6.43 -17.94
C LEU A 89 4.40 -6.04 -19.19
N ASN A 90 5.49 -6.75 -19.45
CA ASN A 90 6.31 -6.42 -20.60
C ASN A 90 5.53 -6.52 -21.90
N THR A 91 4.69 -7.54 -21.98
CA THR A 91 3.86 -7.75 -23.16
C THR A 91 2.92 -6.56 -23.34
N VAL A 92 2.30 -6.12 -22.24
CA VAL A 92 1.36 -5.00 -22.23
C VAL A 92 2.04 -3.69 -22.66
N VAL A 93 3.19 -3.37 -22.07
CA VAL A 93 3.91 -2.14 -22.36
C VAL A 93 4.43 -2.05 -23.80
N GLU A 94 5.17 -3.07 -24.25
CA GLU A 94 5.68 -3.12 -25.64
C GLU A 94 4.57 -3.04 -26.71
N ASN A 95 3.37 -3.53 -26.41
CA ASN A 95 2.24 -3.55 -27.35
C ASN A 95 1.12 -2.57 -27.01
N LEU A 96 1.47 -1.41 -26.44
CA LEU A 96 0.48 -0.40 -26.07
C LEU A 96 -0.05 0.33 -27.30
N HIS A 97 0.68 0.26 -28.40
CA HIS A 97 0.25 0.84 -29.67
C HIS A 97 -0.81 -0.05 -30.36
N ASP A 98 -0.94 -1.29 -29.87
CA ASP A 98 -1.93 -2.27 -30.36
C ASP A 98 -2.92 -2.65 -29.26
N PRO A 99 -3.94 -1.83 -29.04
CA PRO A 99 -4.85 -1.97 -27.88
C PRO A 99 -5.65 -3.25 -27.77
N ASP A 100 -5.77 -4.00 -28.85
CA ASP A 100 -6.43 -5.29 -28.82
C ASP A 100 -5.52 -6.33 -28.17
N LYS A 101 -4.21 -6.22 -28.40
CA LYS A 101 -3.24 -7.04 -27.67
C LYS A 101 -3.27 -6.74 -26.15
N VAL A 102 -3.29 -5.47 -25.77
CA VAL A 102 -3.27 -5.18 -24.33
C VAL A 102 -4.58 -5.73 -23.74
N SER A 103 -5.69 -5.59 -24.47
CA SER A 103 -6.95 -6.17 -23.96
C SER A 103 -6.80 -7.66 -23.78
N SER A 104 -6.30 -8.33 -24.82
CA SER A 104 -6.10 -9.77 -24.84
C SER A 104 -5.36 -10.25 -23.61
N VAL A 105 -4.18 -9.68 -23.39
CA VAL A 105 -3.31 -10.12 -22.29
C VAL A 105 -3.99 -9.94 -20.93
N LEU A 106 -4.61 -8.78 -20.71
CA LEU A 106 -5.13 -8.43 -19.40
C LEU A 106 -6.41 -9.15 -19.03
N ALA A 107 -7.14 -9.59 -20.07
CA ALA A 107 -8.31 -10.39 -19.85
C ALA A 107 -7.81 -11.70 -19.24
N LEU A 108 -6.89 -12.34 -20.01
CA LEU A 108 -6.38 -13.69 -19.70
C LEU A 108 -5.85 -13.68 -18.27
N VAL A 109 -5.06 -12.66 -17.95
CA VAL A 109 -4.58 -12.50 -16.60
C VAL A 109 -5.79 -12.36 -15.70
N GLY A 110 -6.67 -11.39 -16.01
CA GLY A 110 -7.76 -11.02 -15.11
C GLY A 110 -8.56 -12.23 -14.68
N LYS A 111 -8.95 -13.01 -15.71
CA LYS A 111 -9.83 -14.12 -15.55
C LYS A 111 -9.08 -15.14 -14.64
N ALA A 112 -7.81 -15.36 -15.02
CA ALA A 112 -7.02 -16.47 -14.47
C ALA A 112 -6.92 -16.28 -12.99
N HIS A 113 -6.71 -15.03 -12.63
CA HIS A 113 -6.55 -14.70 -11.24
C HIS A 113 -7.89 -14.72 -10.52
N ALA A 114 -8.98 -14.50 -11.25
CA ALA A 114 -10.31 -14.54 -10.64
C ALA A 114 -10.73 -16.00 -10.35
N LEU A 115 -10.39 -16.91 -11.27
CA LEU A 115 -11.01 -18.23 -11.39
C LEU A 115 -10.16 -19.38 -10.85
N LYS A 116 -8.91 -19.45 -11.28
CA LYS A 116 -7.97 -20.48 -10.80
C LYS A 116 -7.39 -20.06 -9.44
N HIS A 117 -6.75 -18.89 -9.40
CA HIS A 117 -6.02 -18.47 -8.21
C HIS A 117 -6.92 -17.87 -7.12
N LYS A 118 -8.15 -17.48 -7.49
CA LYS A 118 -9.10 -16.88 -6.53
C LYS A 118 -8.52 -15.70 -5.70
N VAL A 119 -7.82 -14.78 -6.37
CA VAL A 119 -7.23 -13.62 -5.70
C VAL A 119 -8.24 -12.49 -5.69
N GLU A 120 -8.56 -11.95 -4.51
CA GLU A 120 -9.33 -10.69 -4.39
C GLU A 120 -8.73 -9.58 -5.31
N PRO A 121 -9.59 -8.94 -6.12
CA PRO A 121 -9.11 -8.05 -7.17
C PRO A 121 -8.38 -6.81 -6.60
N VAL A 122 -8.73 -6.40 -5.39
CA VAL A 122 -8.05 -5.31 -4.70
C VAL A 122 -6.53 -5.52 -4.56
N TYR A 123 -6.08 -6.77 -4.49
CA TYR A 123 -4.64 -7.01 -4.45
C TYR A 123 -3.89 -6.49 -5.70
N PHE A 124 -4.56 -6.32 -6.83
CA PHE A 124 -3.92 -5.75 -8.02
C PHE A 124 -3.62 -4.26 -7.81
N LYS A 125 -4.54 -3.56 -7.16
CA LYS A 125 -4.38 -2.18 -6.80
C LYS A 125 -3.24 -2.03 -5.79
N ILE A 126 -3.23 -2.88 -4.77
CA ILE A 126 -2.15 -2.90 -3.79
C ILE A 126 -0.80 -3.14 -4.48
N LEU A 127 -0.69 -4.21 -5.27
CA LEU A 127 0.57 -4.49 -5.99
C LEU A 127 1.00 -3.32 -6.86
N SER A 128 0.05 -2.68 -7.55
CA SER A 128 0.41 -1.52 -8.38
C SER A 128 0.98 -0.36 -7.61
N GLY A 129 0.49 -0.17 -6.38
CA GLY A 129 1.04 0.82 -5.50
C GLY A 129 2.45 0.51 -5.08
N VAL A 130 2.74 -0.77 -4.84
CA VAL A 130 4.10 -1.20 -4.54
C VAL A 130 5.00 -1.02 -5.78
N ILE A 131 4.48 -1.36 -6.93
CA ILE A 131 5.22 -1.18 -8.16
C ILE A 131 5.62 0.28 -8.29
N LEU A 132 4.69 1.22 -7.97
CA LEU A 132 4.93 2.67 -8.08
C LEU A 132 6.00 3.10 -7.11
N GLU A 133 5.88 2.65 -5.87
CA GLU A 133 6.87 2.92 -4.84
C GLU A 133 8.28 2.46 -5.27
N VAL A 134 8.38 1.26 -5.79
CA VAL A 134 9.68 0.72 -6.20
C VAL A 134 10.23 1.50 -7.41
N VAL A 135 9.39 1.82 -8.37
CA VAL A 135 9.85 2.61 -9.52
C VAL A 135 10.33 4.02 -9.11
N ALA A 136 9.55 4.70 -8.26
CA ALA A 136 9.91 6.00 -7.75
C ALA A 136 11.21 5.99 -6.97
N GLU A 137 11.50 4.89 -6.28
CA GLU A 137 12.75 4.78 -5.56
C GLU A 137 13.95 4.51 -6.47
N GLU A 138 13.77 3.53 -7.34
CA GLU A 138 14.89 2.93 -8.03
C GLU A 138 15.27 3.75 -9.23
N PHE A 139 14.34 4.54 -9.73
CA PHE A 139 14.51 5.26 -10.99
C PHE A 139 14.00 6.69 -10.89
N ALA A 140 14.26 7.33 -9.75
CA ALA A 140 13.77 8.65 -9.42
C ALA A 140 14.30 9.75 -10.37
N SER A 141 15.62 9.84 -10.54
CA SER A 141 16.22 10.70 -11.56
C SER A 141 15.74 10.49 -13.03
N ASP A 142 14.98 9.44 -13.30
CA ASP A 142 14.33 9.25 -14.61
C ASP A 142 12.80 9.28 -14.56
N PHE A 143 12.24 10.02 -13.59
CA PHE A 143 10.82 9.94 -13.30
C PHE A 143 10.21 11.31 -13.14
N PRO A 144 10.24 12.11 -14.21
CA PRO A 144 9.56 13.41 -14.19
C PRO A 144 8.04 13.26 -14.13
N PRO A 145 7.34 14.34 -13.77
CA PRO A 145 5.88 14.36 -13.71
C PRO A 145 5.11 13.87 -14.96
N GLU A 146 5.61 14.14 -16.17
CA GLU A 146 5.01 13.64 -17.42
C GLU A 146 4.99 12.11 -17.43
N THR A 147 6.10 11.56 -16.97
CA THR A 147 6.28 10.13 -16.88
C THR A 147 5.46 9.53 -15.74
N GLN A 148 5.44 10.19 -14.59
CA GLN A 148 4.60 9.78 -13.47
C GLN A 148 3.14 9.70 -13.89
N ARG A 149 2.66 10.73 -14.60
CA ARG A 149 1.28 10.75 -15.08
C ARG A 149 1.06 9.61 -16.09
N ALA A 150 1.98 9.43 -17.03
CA ALA A 150 1.83 8.35 -18.00
C ALA A 150 1.71 6.97 -17.31
N TRP A 151 2.61 6.72 -16.38
CA TRP A 151 2.65 5.49 -15.59
C TRP A 151 1.37 5.27 -14.81
N ALA A 152 0.81 6.37 -14.28
CA ALA A 152 -0.45 6.30 -13.56
C ALA A 152 -1.61 5.93 -14.49
N LYS A 153 -1.58 6.38 -15.75
CA LYS A 153 -2.58 5.94 -16.74
C LYS A 153 -2.48 4.46 -17.07
N LEU A 154 -1.26 3.97 -17.23
CA LEU A 154 -1.02 2.55 -17.39
C LEU A 154 -1.57 1.72 -16.23
N ARG A 155 -1.41 2.23 -15.01
CA ARG A 155 -1.90 1.55 -13.82
C ARG A 155 -3.41 1.51 -13.84
N GLY A 156 -4.04 2.61 -14.21
CA GLY A 156 -5.48 2.69 -14.30
C GLY A 156 -6.04 1.74 -15.37
N LEU A 157 -5.36 1.74 -16.51
CA LEU A 157 -5.65 0.81 -17.57
C LEU A 157 -5.62 -0.65 -17.07
N ILE A 158 -4.56 -1.04 -16.36
CA ILE A 158 -4.44 -2.40 -15.88
C ILE A 158 -5.59 -2.71 -14.94
N TYR A 159 -5.84 -1.84 -13.97
CA TYR A 159 -6.82 -2.12 -12.93
C TYR A 159 -8.25 -2.17 -13.46
N SER A 160 -8.54 -1.36 -14.47
CA SER A 160 -9.88 -1.32 -15.04
C SER A 160 -10.14 -2.57 -15.89
N HIS A 161 -9.16 -2.97 -16.70
CA HIS A 161 -9.25 -4.18 -17.51
C HIS A 161 -9.28 -5.46 -16.65
N VAL A 162 -8.45 -5.52 -15.60
CA VAL A 162 -8.49 -6.69 -14.70
C VAL A 162 -9.83 -6.75 -13.95
N THR A 163 -10.30 -5.59 -13.52
CA THR A 163 -11.55 -5.43 -12.78
C THR A 163 -12.78 -5.76 -13.63
N ALA A 164 -12.70 -5.50 -14.94
CA ALA A 164 -13.78 -5.84 -15.88
C ALA A 164 -13.83 -7.34 -16.11
N ALA A 165 -12.65 -7.98 -16.11
CA ALA A 165 -12.56 -9.42 -16.30
C ALA A 165 -13.15 -10.18 -15.10
N TYR A 166 -12.99 -9.64 -13.90
CA TYR A 166 -13.61 -10.24 -12.71
C TYR A 166 -15.15 -10.18 -12.81
N LYS A 167 -15.68 -8.99 -13.16
CA LYS A 167 -17.12 -8.80 -13.34
C LYS A 167 -17.73 -9.74 -14.39
N GLU A 168 -16.97 -9.94 -15.47
CA GLU A 168 -17.38 -10.78 -16.60
C GLU A 168 -17.69 -12.24 -16.22
N VAL A 169 -17.06 -12.77 -15.17
CA VAL A 169 -17.30 -14.16 -14.75
C VAL A 169 -18.04 -14.22 -13.38
N GLY A 170 -18.84 -13.16 -13.15
CA GLY A 170 -19.62 -13.00 -11.92
C GLY A 170 -18.88 -13.21 -10.61
N TRP A 171 -17.72 -12.56 -10.43
CA TRP A 171 -17.00 -12.60 -9.15
C TRP A 171 -17.93 -12.08 -8.03
N GLU B 18 -4.46 -8.63 23.63
CA GLU B 18 -3.35 -8.45 24.64
C GLU B 18 -1.95 -8.33 24.01
N LEU B 19 -1.03 -9.25 22.71
CA LEU B 19 0.43 -8.88 22.75
C LEU B 19 1.12 -9.28 24.05
N SER B 20 2.25 -9.99 23.89
CA SER B 20 3.21 -10.24 24.96
C SER B 20 3.58 -8.94 25.69
N GLU B 21 4.15 -9.06 26.88
CA GLU B 21 4.70 -7.91 27.60
C GLU B 21 5.92 -7.38 26.88
N ALA B 22 6.77 -8.31 26.44
CA ALA B 22 7.98 -7.97 25.72
C ALA B 22 7.65 -7.32 24.37
N GLU B 23 6.58 -7.80 23.72
CA GLU B 23 6.10 -7.24 22.46
C GLU B 23 5.44 -5.89 22.70
N ARG B 24 4.81 -5.73 23.87
CA ARG B 24 4.20 -4.47 24.28
C ARG B 24 5.30 -3.40 24.40
N LYS B 25 6.33 -3.74 25.19
CA LYS B 25 7.47 -2.86 25.40
C LYS B 25 8.15 -2.53 24.07
N ALA B 26 8.25 -3.54 23.19
CA ALA B 26 8.89 -3.37 21.88
C ALA B 26 8.20 -2.32 21.05
N VAL B 27 6.88 -2.39 21.02
CA VAL B 27 6.06 -1.50 20.22
C VAL B 27 6.05 -0.10 20.82
N GLN B 28 5.98 -0.01 22.14
CA GLN B 28 5.97 1.27 22.83
C GLN B 28 7.32 1.96 22.68
N ALA B 29 8.41 1.20 22.60
CA ALA B 29 9.73 1.79 22.42
C ALA B 29 9.96 2.26 20.97
N MET B 30 9.38 1.57 20.00
CA MET B 30 9.40 2.06 18.63
C MET B 30 8.57 3.32 18.52
N TRP B 31 7.37 3.27 19.10
CA TRP B 31 6.40 4.34 18.94
C TRP B 31 6.91 5.64 19.51
N ALA B 32 7.63 5.56 20.63
CA ALA B 32 8.20 6.74 21.29
C ALA B 32 9.15 7.44 20.33
N ARG B 33 9.79 6.68 19.44
CA ARG B 33 10.71 7.24 18.47
C ARG B 33 9.98 7.99 17.34
N LEU B 34 8.90 7.39 16.84
CA LEU B 34 7.98 8.04 15.89
C LEU B 34 7.30 9.27 16.48
N TYR B 35 6.89 9.15 17.75
CA TYR B 35 6.02 10.16 18.36
C TYR B 35 6.78 11.44 18.74
N ALA B 36 8.07 11.32 18.99
CA ALA B 36 8.91 12.47 19.29
C ALA B 36 8.76 13.55 18.21
N ASN B 37 8.69 13.08 16.96
N ASN B 37 8.75 13.13 16.94
CA ASN B 37 8.54 13.89 15.77
CA ASN B 37 8.48 14.02 15.83
C ASN B 37 7.19 13.55 15.13
C ASN B 37 7.20 13.58 15.16
N SER B 38 6.14 13.57 15.96
CA SER B 38 4.83 13.03 15.58
C SER B 38 4.30 13.57 14.28
N GLU B 39 4.44 14.87 14.13
CA GLU B 39 3.76 15.60 13.09
C GLU B 39 4.40 15.29 11.75
N ASP B 40 5.73 15.30 11.68
CA ASP B 40 6.45 15.06 10.44
C ASP B 40 6.24 13.61 9.99
N VAL B 41 6.22 12.69 10.95
CA VAL B 41 6.03 11.28 10.62
C VAL B 41 4.65 11.04 10.04
N GLY B 42 3.64 11.59 10.70
CA GLY B 42 2.26 11.46 10.26
C GLY B 42 2.05 11.96 8.83
N VAL B 43 2.65 13.13 8.56
CA VAL B 43 2.52 13.74 7.26
C VAL B 43 3.24 12.89 6.22
N ALA B 44 4.41 12.38 6.57
CA ALA B 44 5.18 11.57 5.67
C ALA B 44 4.37 10.30 5.33
N ILE B 45 3.72 9.71 6.34
CA ILE B 45 2.86 8.55 6.13
C ILE B 45 1.72 8.87 5.16
N LEU B 46 1.04 10.00 5.37
CA LEU B 46 -0.17 10.31 4.60
C LEU B 46 0.19 10.67 3.16
N VAL B 47 1.28 11.39 2.96
CA VAL B 47 1.67 11.77 1.63
C VAL B 47 2.01 10.51 0.82
N ARG B 48 2.77 9.60 1.44
CA ARG B 48 3.11 8.33 0.81
C ARG B 48 1.84 7.55 0.44
N PHE B 49 0.90 7.48 1.37
CA PHE B 49 -0.41 6.83 1.19
C PHE B 49 -1.22 7.42 0.02
N PHE B 50 -1.31 8.76 -0.02
CA PHE B 50 -2.02 9.45 -1.09
C PHE B 50 -1.37 9.41 -2.48
N VAL B 51 -0.04 9.43 -2.52
CA VAL B 51 0.69 9.32 -3.78
C VAL B 51 0.59 7.88 -4.30
N ASN B 52 0.81 6.90 -3.46
CA ASN B 52 0.77 5.50 -3.91
C ASN B 52 -0.64 4.91 -4.11
N PHE B 53 -1.61 5.47 -3.41
CA PHE B 53 -3.03 5.16 -3.54
C PHE B 53 -3.94 6.40 -3.75
N PRO B 54 -3.89 6.96 -4.93
CA PRO B 54 -4.73 8.11 -5.29
C PRO B 54 -6.21 7.91 -4.98
N SER B 55 -6.72 6.67 -5.05
CA SER B 55 -8.12 6.42 -4.73
C SER B 55 -8.45 6.84 -3.27
N ALA B 56 -7.47 6.74 -2.39
CA ALA B 56 -7.61 7.17 -1.01
C ALA B 56 -7.83 8.67 -0.88
N LYS B 57 -7.23 9.47 -1.77
CA LYS B 57 -7.43 10.92 -1.76
C LYS B 57 -8.86 11.36 -1.94
N GLN B 58 -9.65 10.52 -2.59
CA GLN B 58 -11.00 10.92 -2.94
C GLN B 58 -11.88 11.23 -1.74
N TYR B 59 -11.60 10.65 -0.58
CA TYR B 59 -12.39 10.93 0.63
C TYR B 59 -12.10 12.29 1.24
N PHE B 60 -11.04 12.95 0.79
CA PHE B 60 -10.59 14.22 1.35
C PHE B 60 -10.86 15.36 0.39
N SER B 61 -12.01 16.04 0.58
CA SER B 61 -12.46 17.14 -0.32
C SER B 61 -11.38 18.22 -0.46
N GLN B 62 -10.66 18.39 0.63
CA GLN B 62 -9.58 19.34 0.77
C GLN B 62 -8.43 19.19 -0.22
N PHE B 63 -8.04 17.95 -0.55
CA PHE B 63 -6.90 17.74 -1.46
C PHE B 63 -7.09 16.59 -2.45
N LYS B 64 -8.33 16.28 -2.82
CA LYS B 64 -8.58 15.17 -3.74
C LYS B 64 -8.05 15.46 -5.17
N HIS B 65 -7.84 16.73 -5.50
CA HIS B 65 -7.24 17.12 -6.79
C HIS B 65 -5.73 17.40 -6.68
N MET B 66 -5.22 17.43 -5.44
CA MET B 66 -3.82 17.76 -5.19
C MET B 66 -2.93 16.62 -5.67
N GLU B 67 -1.93 16.99 -6.46
CA GLU B 67 -1.01 16.03 -7.04
C GLU B 67 0.44 16.17 -6.56
N ASP B 68 0.87 17.38 -6.22
CA ASP B 68 2.27 17.65 -5.91
C ASP B 68 2.53 17.25 -4.45
N PRO B 69 3.38 16.23 -4.22
CA PRO B 69 3.71 15.81 -2.85
C PRO B 69 4.31 16.95 -1.97
N LEU B 70 5.05 17.87 -2.55
CA LEU B 70 5.61 19.00 -1.79
C LEU B 70 4.52 19.91 -1.27
N GLU B 71 3.50 20.13 -2.09
CA GLU B 71 2.29 20.83 -1.66
C GLU B 71 1.53 20.05 -0.58
N MET B 72 1.44 18.74 -0.74
CA MET B 72 0.67 17.90 0.18
C MET B 72 1.21 18.07 1.58
N GLU B 73 2.53 17.99 1.71
CA GLU B 73 3.14 18.09 3.02
C GLU B 73 3.01 19.49 3.66
N ARG B 74 2.80 20.51 2.82
CA ARG B 74 2.55 21.88 3.28
C ARG B 74 1.09 22.25 3.49
N SER B 75 0.16 21.33 3.20
N SER B 75 0.15 21.41 3.10
CA SER B 75 -1.29 21.59 3.21
CA SER B 75 -1.22 21.67 3.47
C SER B 75 -1.97 21.49 4.60
C SER B 75 -1.14 21.79 4.99
N PRO B 76 -3.03 22.27 4.82
N PRO B 76 -1.42 22.97 5.52
CA PRO B 76 -3.66 22.37 6.15
CA PRO B 76 -1.45 23.11 6.97
C PRO B 76 -4.52 21.17 6.59
C PRO B 76 -2.54 22.18 7.43
N GLN B 77 -5.19 20.53 5.65
N GLN B 77 -3.56 22.06 6.57
CA GLN B 77 -6.15 19.46 5.97
CA GLN B 77 -4.71 21.20 6.82
C GLN B 77 -5.53 18.05 5.99
C GLN B 77 -4.38 19.72 6.75
N LEU B 78 -4.48 17.85 5.19
N LEU B 78 -3.49 19.30 5.84
CA LEU B 78 -3.66 16.65 5.29
CA LEU B 78 -3.10 17.90 5.78
C LEU B 78 -2.94 16.62 6.64
C LEU B 78 -2.30 17.59 7.04
N ARG B 79 -2.29 17.72 6.96
N ARG B 79 -1.40 18.51 7.37
CA ARG B 79 -1.61 17.94 8.25
CA ARG B 79 -0.52 18.37 8.51
C ARG B 79 -2.54 17.69 9.45
C ARG B 79 -1.30 18.27 9.82
N LYS B 80 -3.84 17.97 9.28
N LYS B 80 -2.45 18.94 9.90
CA LYS B 80 -4.87 17.70 10.28
CA LYS B 80 -3.24 18.96 11.13
C LYS B 80 -5.12 16.19 10.48
C LYS B 80 -4.07 17.70 11.25
N HIS B 81 -5.33 15.45 9.39
N HIS B 81 -4.47 17.13 10.11
CA HIS B 81 -5.62 14.03 9.49
CA HIS B 81 -5.17 15.85 10.12
C HIS B 81 -4.39 13.31 10.04
C HIS B 81 -4.19 14.74 10.44
N ALA B 82 -3.20 13.84 9.75
N ALA B 82 -2.92 14.95 10.10
CA ALA B 82 -1.95 13.27 10.20
CA ALA B 82 -1.91 13.93 10.33
C ALA B 82 -1.83 13.39 11.71
C ALA B 82 -1.68 13.77 11.82
N SER B 83 -1.97 14.61 12.22
N SER B 83 -1.93 14.83 12.58
CA SER B 83 -1.88 14.88 13.64
CA SER B 83 -1.76 14.78 14.02
C SER B 83 -2.88 14.02 14.40
C SER B 83 -2.98 14.11 14.64
N ARG B 84 -4.10 13.96 13.90
N ARG B 84 -4.04 13.94 13.86
CA ARG B 84 -5.17 13.23 14.57
CA ARG B 84 -5.25 13.28 14.36
C ARG B 84 -4.99 11.72 14.42
C ARG B 84 -5.03 11.78 14.37
N VAL B 85 -4.44 11.26 13.29
CA VAL B 85 -4.17 9.84 13.12
C VAL B 85 -3.13 9.41 14.14
N MET B 86 -2.08 10.21 14.25
CA MET B 86 -0.99 9.94 15.19
C MET B 86 -1.46 10.00 16.65
N GLY B 87 -2.48 10.81 16.92
CA GLY B 87 -3.03 10.95 18.27
C GLY B 87 -3.85 9.74 18.67
N ALA B 88 -4.67 9.23 17.77
CA ALA B 88 -5.45 8.02 18.03
C ALA B 88 -4.53 6.82 18.17
N LEU B 89 -3.51 6.77 17.32
CA LEU B 89 -2.54 5.69 17.38
C LEU B 89 -1.84 5.79 18.75
N ASN B 90 -1.44 6.99 19.16
CA ASN B 90 -0.79 7.19 20.45
C ASN B 90 -1.58 6.63 21.65
N THR B 91 -2.88 6.87 21.64
CA THR B 91 -3.77 6.35 22.68
C THR B 91 -3.76 4.83 22.69
N VAL B 92 -3.73 4.22 21.50
CA VAL B 92 -3.72 2.77 21.40
C VAL B 92 -2.44 2.23 21.99
N VAL B 93 -1.30 2.72 21.54
CA VAL B 93 -0.01 2.22 22.01
C VAL B 93 0.18 2.41 23.55
N GLU B 94 -0.19 3.58 24.04
CA GLU B 94 0.01 3.91 25.46
C GLU B 94 -0.87 3.09 26.39
N ASN B 95 -1.98 2.60 25.85
CA ASN B 95 -2.91 1.71 26.54
C ASN B 95 -2.89 0.23 26.10
N LEU B 96 -1.77 -0.25 25.58
CA LEU B 96 -1.68 -1.65 25.14
C LEU B 96 -1.78 -2.69 26.28
N HIS B 97 -1.48 -2.24 27.51
CA HIS B 97 -1.60 -3.08 28.70
C HIS B 97 -3.06 -3.23 29.16
N ASP B 98 -3.96 -2.53 28.48
CA ASP B 98 -5.37 -2.48 28.82
C ASP B 98 -6.20 -2.96 27.63
N PRO B 99 -6.37 -4.27 27.46
CA PRO B 99 -7.11 -4.83 26.31
C PRO B 99 -8.46 -4.17 26.01
N ASP B 100 -9.19 -3.78 27.05
CA ASP B 100 -10.53 -3.20 26.85
C ASP B 100 -10.47 -1.74 26.42
N LYS B 101 -9.40 -1.04 26.77
CA LYS B 101 -9.20 0.32 26.31
C LYS B 101 -8.75 0.33 24.83
N VAL B 102 -7.97 -0.65 24.41
CA VAL B 102 -7.59 -0.75 23.00
C VAL B 102 -8.81 -1.13 22.16
N SER B 103 -9.61 -2.06 22.66
CA SER B 103 -10.81 -2.52 21.96
C SER B 103 -11.85 -1.43 21.75
N SER B 104 -11.91 -0.47 22.67
CA SER B 104 -12.93 0.59 22.65
C SER B 104 -12.48 1.73 21.70
N VAL B 105 -11.23 2.13 21.82
CA VAL B 105 -10.64 3.12 20.93
C VAL B 105 -10.74 2.70 19.47
N LEU B 106 -10.38 1.45 19.18
CA LEU B 106 -10.38 0.95 17.82
C LEU B 106 -11.79 0.74 17.27
N ALA B 107 -12.71 0.25 18.07
CA ALA B 107 -14.09 0.10 17.63
C ALA B 107 -14.67 1.46 17.18
N LEU B 108 -14.35 2.53 17.91
CA LEU B 108 -14.88 3.87 17.64
C LEU B 108 -14.24 4.48 16.39
N VAL B 109 -12.93 4.33 16.26
CA VAL B 109 -12.24 4.67 15.00
C VAL B 109 -12.95 3.98 13.82
N GLY B 110 -13.27 2.69 13.95
CA GLY B 110 -13.84 1.91 12.86
C GLY B 110 -15.24 2.30 12.48
N LYS B 111 -16.08 2.56 13.49
CA LYS B 111 -17.46 2.87 13.17
C LYS B 111 -17.51 4.24 12.50
N ALA B 112 -16.74 5.13 13.15
CA ALA B 112 -16.71 6.49 12.64
C ALA B 112 -16.39 6.52 11.16
N HIS B 113 -15.54 5.68 10.84
CA HIS B 113 -15.04 5.64 9.45
C HIS B 113 -15.98 4.90 8.53
N ALA B 114 -16.62 3.90 9.05
CA ALA B 114 -17.67 3.17 8.34
C ALA B 114 -18.88 4.07 8.06
N LEU B 115 -19.34 4.77 9.10
CA LEU B 115 -20.61 5.50 9.08
C LEU B 115 -20.52 7.00 8.74
N LYS B 116 -19.50 7.68 9.25
CA LYS B 116 -19.34 9.12 9.03
C LYS B 116 -18.46 9.43 7.80
N HIS B 117 -17.30 8.78 7.67
CA HIS B 117 -16.37 9.07 6.57
C HIS B 117 -16.57 8.16 5.36
N LYS B 118 -17.21 7.01 5.59
CA LYS B 118 -17.62 6.05 4.54
C LYS B 118 -16.47 5.48 3.71
N VAL B 119 -15.40 5.15 4.42
CA VAL B 119 -14.20 4.59 3.85
C VAL B 119 -14.32 3.09 3.78
N GLU B 120 -14.06 2.49 2.62
CA GLU B 120 -14.06 1.04 2.53
C GLU B 120 -12.95 0.57 3.47
N PRO B 121 -13.21 -0.47 4.24
CA PRO B 121 -12.32 -0.88 5.32
C PRO B 121 -10.98 -1.42 4.83
N VAL B 122 -10.89 -1.87 3.58
CA VAL B 122 -9.60 -2.39 3.09
C VAL B 122 -8.52 -1.27 3.13
N TYR B 123 -8.95 -0.01 3.05
CA TYR B 123 -8.01 1.10 3.06
C TYR B 123 -7.23 1.14 4.38
N PHE B 124 -7.78 0.60 5.45
CA PHE B 124 -7.01 0.42 6.69
C PHE B 124 -5.82 -0.53 6.50
N LYS B 125 -6.05 -1.63 5.80
CA LYS B 125 -4.98 -2.56 5.52
C LYS B 125 -3.94 -1.80 4.70
N ILE B 126 -4.40 -1.00 3.75
CA ILE B 126 -3.49 -0.36 2.82
C ILE B 126 -2.63 0.64 3.59
N LEU B 127 -3.26 1.46 4.42
CA LEU B 127 -2.57 2.49 5.21
C LEU B 127 -1.54 1.87 6.14
N SER B 128 -1.88 0.76 6.79
CA SER B 128 -0.92 0.05 7.64
C SER B 128 0.31 -0.44 6.90
N GLY B 129 0.15 -0.88 5.67
CA GLY B 129 1.31 -1.24 4.86
C GLY B 129 2.23 -0.05 4.56
N VAL B 130 1.63 1.11 4.32
CA VAL B 130 2.39 2.34 4.08
C VAL B 130 3.12 2.76 5.38
N ILE B 131 2.43 2.68 6.52
CA ILE B 131 3.05 2.95 7.82
C ILE B 131 4.27 2.05 7.93
N LEU B 132 4.08 0.75 7.72
CA LEU B 132 5.22 -0.17 7.85
C LEU B 132 6.38 0.29 6.95
N GLU B 133 6.09 0.64 5.70
CA GLU B 133 7.14 1.04 4.78
C GLU B 133 7.88 2.30 5.26
N VAL B 134 7.13 3.30 5.71
CA VAL B 134 7.74 4.54 6.13
C VAL B 134 8.54 4.31 7.38
N VAL B 135 8.00 3.54 8.33
CA VAL B 135 8.76 3.20 9.53
C VAL B 135 10.06 2.48 9.19
N ALA B 136 10.00 1.53 8.28
CA ALA B 136 11.20 0.78 7.91
C ALA B 136 12.24 1.68 7.26
N GLU B 137 11.78 2.67 6.49
CA GLU B 137 12.68 3.56 5.79
C GLU B 137 13.34 4.57 6.74
N GLU B 138 12.58 5.13 7.68
CA GLU B 138 13.03 6.25 8.48
C GLU B 138 13.72 5.84 9.78
N PHE B 139 13.27 4.74 10.35
CA PHE B 139 13.80 4.25 11.62
C PHE B 139 14.45 2.88 11.49
N ALA B 140 15.18 2.67 10.40
CA ALA B 140 16.01 1.50 10.26
C ALA B 140 17.25 1.75 11.14
N SER B 141 17.28 1.04 12.26
CA SER B 141 18.22 1.20 13.38
C SER B 141 17.44 0.94 14.65
N ASP B 142 16.24 1.51 14.74
CA ASP B 142 15.33 1.22 15.87
C ASP B 142 14.28 0.15 15.51
N PHE B 143 14.51 -0.59 14.43
CA PHE B 143 13.49 -1.52 13.89
C PHE B 143 14.01 -2.93 13.61
N PRO B 144 14.54 -3.58 14.64
CA PRO B 144 15.09 -4.94 14.49
C PRO B 144 13.96 -5.97 14.33
N PRO B 145 14.28 -7.19 13.88
CA PRO B 145 13.24 -8.21 13.64
C PRO B 145 12.22 -8.40 14.78
N GLU B 146 12.63 -8.37 16.05
CA GLU B 146 11.67 -8.63 17.12
C GLU B 146 10.67 -7.51 17.24
N THR B 147 11.10 -6.28 16.95
CA THR B 147 10.18 -5.15 16.92
C THR B 147 9.29 -5.20 15.68
N GLN B 148 9.81 -5.66 14.55
CA GLN B 148 8.99 -5.79 13.37
C GLN B 148 7.84 -6.73 13.64
N ARG B 149 8.16 -7.91 14.19
CA ARG B 149 7.13 -8.90 14.50
C ARG B 149 6.11 -8.36 15.52
N ALA B 150 6.58 -7.66 16.56
CA ALA B 150 5.66 -7.03 17.51
C ALA B 150 4.74 -6.01 16.84
N TRP B 151 5.34 -5.11 16.06
CA TRP B 151 4.59 -4.09 15.36
C TRP B 151 3.54 -4.69 14.39
N ALA B 152 3.91 -5.79 13.71
CA ALA B 152 2.99 -6.52 12.83
C ALA B 152 1.85 -7.14 13.62
N LYS B 153 2.10 -7.53 14.87
CA LYS B 153 0.98 -7.98 15.73
C LYS B 153 0.03 -6.83 16.05
N LEU B 154 0.58 -5.65 16.29
CA LEU B 154 -0.26 -4.49 16.53
C LEU B 154 -1.12 -4.18 15.30
N ARG B 155 -0.51 -4.29 14.12
CA ARG B 155 -1.24 -3.98 12.90
C ARG B 155 -2.45 -4.93 12.72
N GLY B 156 -2.24 -6.22 12.97
CA GLY B 156 -3.31 -7.21 12.84
C GLY B 156 -4.40 -7.01 13.86
N LEU B 157 -4.02 -6.65 15.08
CA LEU B 157 -4.95 -6.23 16.11
C LEU B 157 -5.81 -5.05 15.63
N ILE B 158 -5.18 -4.06 15.00
CA ILE B 158 -5.90 -2.88 14.49
C ILE B 158 -6.89 -3.30 13.41
N TYR B 159 -6.47 -4.13 12.48
CA TYR B 159 -7.32 -4.49 11.36
C TYR B 159 -8.45 -5.41 11.82
N SER B 160 -8.16 -6.31 12.76
CA SER B 160 -9.18 -7.15 13.39
C SER B 160 -10.28 -6.32 14.04
N HIS B 161 -9.87 -5.40 14.87
CA HIS B 161 -10.80 -4.57 15.63
C HIS B 161 -11.56 -3.59 14.70
N VAL B 162 -10.95 -3.16 13.61
CA VAL B 162 -11.63 -2.21 12.73
C VAL B 162 -12.62 -2.95 11.84
N THR B 163 -12.20 -4.08 11.31
CA THR B 163 -13.06 -4.97 10.53
C THR B 163 -14.31 -5.41 11.33
N ALA B 164 -14.11 -5.78 12.58
CA ALA B 164 -15.23 -6.22 13.40
C ALA B 164 -16.21 -5.07 13.58
N ALA B 165 -15.71 -3.86 13.81
CA ALA B 165 -16.61 -2.72 13.99
C ALA B 165 -17.40 -2.40 12.73
N TYR B 166 -16.81 -2.61 11.56
CA TYR B 166 -17.53 -2.42 10.31
C TYR B 166 -18.70 -3.42 10.19
N LYS B 167 -18.44 -4.68 10.58
CA LYS B 167 -19.41 -5.76 10.47
C LYS B 167 -20.55 -5.59 11.47
N GLU B 168 -20.25 -4.99 12.62
CA GLU B 168 -21.22 -4.71 13.67
C GLU B 168 -22.36 -3.82 13.17
N VAL B 169 -22.02 -2.89 12.27
CA VAL B 169 -22.93 -1.88 11.76
C VAL B 169 -23.44 -2.21 10.34
N GLY B 170 -23.00 -3.34 9.78
CA GLY B 170 -23.49 -3.81 8.48
C GLY B 170 -23.13 -2.88 7.33
N TRP B 171 -21.93 -3.08 6.79
CA TRP B 171 -21.33 -2.11 5.88
C TRP B 171 -21.79 -2.32 4.43
CHA HEM C . 0.40 -16.86 -11.49
CHB HEM C . 0.81 -12.60 -13.68
CHC HEM C . -0.73 -10.31 -9.71
CHD HEM C . -1.34 -14.58 -7.55
C1A HEM C . 0.58 -15.92 -12.47
C2A HEM C . 0.85 -16.17 -13.88
C3A HEM C . 0.97 -14.98 -14.49
C4A HEM C . 0.79 -13.96 -13.47
CMA HEM C . 1.25 -14.68 -15.99
CAA HEM C . 1.00 -17.57 -14.52
CBA HEM C . -0.25 -18.03 -15.26
CGA HEM C . -1.34 -18.29 -14.26
O1A HEM C . -1.31 -19.36 -13.61
O2A HEM C . -2.25 -17.43 -14.14
C1B HEM C . 0.41 -11.61 -12.79
C2B HEM C . 0.31 -10.21 -13.12
C3B HEM C . -0.10 -9.55 -12.02
C4B HEM C . -0.30 -10.56 -10.99
CMB HEM C . 0.63 -9.57 -14.50
CAB HEM C . -0.37 -8.04 -11.84
CBB HEM C . 0.28 -7.06 -12.47
C1C HEM C . -1.01 -11.27 -8.78
C2C HEM C . -1.49 -11.01 -7.44
C3C HEM C . -1.64 -12.18 -6.84
C4C HEM C . -1.27 -13.22 -7.78
CMC HEM C . -1.72 -9.60 -6.86
CAC HEM C . -2.11 -12.47 -5.42
CBC HEM C . -1.79 -11.63 -4.41
C1D HEM C . -0.92 -15.57 -8.40
C2D HEM C . -0.88 -16.96 -8.03
C3D HEM C . -0.34 -17.65 -9.24
C4D HEM C . -0.09 -16.63 -10.23
CMD HEM C . -1.30 -17.59 -6.69
CAD HEM C . -0.07 -19.15 -9.37
CBD HEM C . 1.42 -19.25 -9.05
CGD HEM C . 1.86 -20.68 -9.01
O1D HEM C . 2.62 -21.01 -8.08
O2D HEM C . 1.47 -21.47 -9.90
NA HEM C . 0.54 -14.57 -12.27
NB HEM C . 0.02 -11.80 -11.49
NC HEM C . -0.88 -12.60 -8.94
ND HEM C . -0.45 -15.39 -9.70
FE HEM C . -0.28 -13.58 -10.62
N24 FC6 D . -4.77 0.81 -9.09
C24 FC6 D . -5.32 1.82 -8.88
FE2 FC6 D . -6.11 3.47 -8.72
C21 FC6 D . -7.66 2.67 -8.13
N25 FC6 D . -8.67 2.15 -7.88
C22 FC6 D . -5.59 3.67 -6.96
N22 FC6 D . -5.30 3.77 -5.83
C26 FC6 D . -6.75 3.29 -10.41
N21 FC6 D . -7.31 3.10 -11.40
C23 FC6 D . -4.62 4.40 -9.24
N23 FC6 D . -3.65 4.96 -9.62
C11 FC6 D . -6.92 5.10 -8.62
N11 FC6 D . -7.42 6.16 -8.61
CHA HEM E . -10.79 11.56 9.98
CHB HEM E . -8.15 8.51 12.63
CHC HEM E . -7.49 5.81 8.73
CHD HEM E . -10.29 8.72 6.08
C1A HEM E . -10.10 10.96 11.02
C2A HEM E . -9.96 11.54 12.33
C3A HEM E . -9.23 10.69 13.05
C4A HEM E . -8.88 9.58 12.22
CMA HEM E . -8.82 10.84 14.54
CAA HEM E . -10.55 12.89 12.82
CBA HEM E . -12.08 12.89 12.91
CGA HEM E . -12.56 11.80 13.83
O1A HEM E . -13.10 10.81 13.24
O2A HEM E . -12.42 11.93 15.09
C1B HEM E . -7.73 7.50 11.79
C2B HEM E . -6.91 6.38 12.19
C3B HEM E . -6.71 5.64 11.10
C4B HEM E . -7.41 6.27 10.01
CMB HEM E . -6.39 6.19 13.63
CAB HEM E . -5.90 4.33 10.94
CBB HEM E . -5.66 3.55 12.01
C1C HEM E . -8.22 6.34 7.72
C2C HEM E . -8.32 5.76 6.40
C3C HEM E . -9.09 6.57 5.67
C4C HEM E . -9.49 7.68 6.48
CMC HEM E . -7.65 4.42 5.97
CAC HEM E . -9.48 6.34 4.18
CBC HEM E . -8.65 6.66 3.19
C1D HEM E . -10.68 9.76 6.86
C2D HEM E . -11.53 10.86 6.44
C3D HEM E . -11.68 11.74 7.65
C4D HEM E . -10.91 11.09 8.69
CMD HEM E . -12.12 11.11 5.04
CAD HEM E . -12.43 13.07 7.74
CBD HEM E . -11.48 14.11 7.14
CGD HEM E . -12.02 15.53 7.13
O1D HEM E . -11.17 16.46 7.09
O2D HEM E . -13.26 15.74 7.16
NA HEM E . -9.44 9.74 10.98
NB HEM E . -8.03 7.39 10.46
NC HEM E . -8.93 7.54 7.75
ND HEM E . -10.36 9.94 8.20
FE HEM E . -9.20 8.61 9.34
N24 FC6 F . -2.10 -10.84 7.20
C24 FC6 F . -2.39 -9.74 7.31
FE2 FC6 F . -2.90 -8.00 7.51
C21 FC6 F . -3.61 -8.38 9.16
N25 FC6 F . -3.83 -8.86 10.20
C22 FC6 F . -1.29 -7.72 8.32
N22 FC6 F . -0.21 -7.61 8.72
C26 FC6 F . -4.48 -8.45 6.70
N21 FC6 F . -5.53 -8.83 6.36
C23 FC6 F . -2.21 -7.65 5.85
N23 FC6 F . -1.86 -7.47 4.76
C11 FC6 F . -3.35 -6.24 7.76
N11 FC6 F . -3.55 -5.10 7.80
#